data_5I2T
#
_entry.id   5I2T
#
_cell.length_a   70.830
_cell.length_b   76.040
_cell.length_c   191.350
_cell.angle_alpha   90.00
_cell.angle_beta   90.00
_cell.angle_gamma   90.00
#
_symmetry.space_group_name_H-M   'P 21 21 21'
#
loop_
_entity.id
_entity.type
_entity.pdbx_description
1 polymer 'Periodic tryptophan protein 2'
2 non-polymer 'SULFATE ION'
3 water water
#
_entity_poly.entity_id   1
_entity_poly.type   'polypeptide(L)'
_entity_poly.pdbx_seq_one_letter_code
;MGSSHHHHHHSSGTGSGENLYFQGHMKSDFKFSNLLGTVYRQGNITFSDDGKQLLSPVGNRVSVFDLINNKSFTFEYEHR
KNIAAIDLNKQGTLLISIDEDGRAILVNFKARNVLHHFNFKEKCSAVKFSPDGRLFALASGRFLQIWKTPDVNKDRQFAP
FVRHRVHAGHFQDITSLTWSQDSRFILTTSKDLSAKIWSVDSEEKNLAATTFNGHRDYVMGAFFSHDQEKIYTVSKDGAV
FVWEFTKRPSDDDDNESEDDDKQEEVDISKYSWRITKKHFFYANQAKVKCVTFHPATRLLAVGFTSGEFRLYDLPDFTLI
QQLSMGQNPVNTVSVNQTGEWLAFGSSKLGQLLVYEWQSESYILKQQGHFDSTNSLAYSPDGSRVVTASEDGKIKVWDIT
SGFCLATFEEHTSSVTAVQFAKRGQVMFSSSLDGTVRAWDLIRYRNFRTFTGTERIQFNCLAVDPSGEVVCAGSLDNFDI
HVWSVQTGQLLDALSGHEGPVSCLSFSQENSVLASASWDKTIRIWSIFGRSQQVEPIEVYSDVLALSMRPDGKEVAVSTL
KGQISIFNIEDAKQVGNIDCRKDIISGRFNQDRFTAKNSERSKFFTTIHYSFDGMAIVAGGNNNSICLYDVPNEVLLKRF
IVSRNMALNGTLEFLNSKKMTEAGSLDLIDDAGENSDLEDRIDNSLPGSQRGGDLSTRKMRPEVRVTSVQFSPTANAFAA
ASTEGLLIYSTNDTILFDPFDL
;
_entity_poly.pdbx_strand_id   A
#
loop_
_chem_comp.id
_chem_comp.type
_chem_comp.name
_chem_comp.formula
SO4 non-polymer 'SULFATE ION' 'O4 S -2'
#
# COMPACT_ATOMS: atom_id res chain seq x y z
N ASP A 29 16.78 12.87 2.25
CA ASP A 29 16.67 11.97 1.10
C ASP A 29 15.27 11.37 0.96
N PHE A 30 15.14 10.43 0.03
CA PHE A 30 13.88 9.76 -0.26
C PHE A 30 13.50 8.72 0.81
N LYS A 31 12.21 8.65 1.14
CA LYS A 31 11.69 7.65 2.06
C LYS A 31 10.37 7.06 1.55
N PHE A 32 10.13 5.79 1.85
CA PHE A 32 8.87 5.15 1.50
C PHE A 32 7.71 5.94 2.07
N SER A 33 6.68 6.17 1.26
CA SER A 33 5.66 7.10 1.69
C SER A 33 4.27 6.61 1.35
N ASN A 34 4.14 5.82 0.28
CA ASN A 34 2.84 5.30 -0.11
C ASN A 34 2.92 3.86 -0.64
N LEU A 35 1.95 3.04 -0.27
CA LEU A 35 1.81 1.75 -0.90
C LEU A 35 0.47 1.72 -1.64
N LEU A 36 0.51 1.85 -2.95
CA LEU A 36 -0.74 1.93 -3.70
C LEU A 36 -1.19 0.57 -4.17
N GLY A 37 -2.51 0.39 -4.29
CA GLY A 37 -3.10 -0.87 -4.73
C GLY A 37 -3.59 -1.73 -3.57
N THR A 38 -3.20 -1.36 -2.35
CA THR A 38 -3.62 -2.13 -1.18
C THR A 38 -4.18 -1.24 -0.09
N VAL A 39 -5.39 -1.56 0.41
CA VAL A 39 -5.99 -0.71 1.44
C VAL A 39 -6.21 -1.43 2.75
N TYR A 40 -6.29 -2.76 2.71
CA TYR A 40 -6.44 -3.57 3.93
C TYR A 40 -6.11 -5.04 3.70
N ARG A 41 -5.24 -5.58 4.54
CA ARG A 41 -4.78 -6.99 4.44
C ARG A 41 -5.33 -7.87 5.53
N GLN A 42 -4.98 -7.57 6.78
CA GLN A 42 -5.37 -8.37 7.92
C GLN A 42 -5.15 -7.62 9.22
N GLY A 43 -5.76 -8.08 10.31
CA GLY A 43 -5.64 -7.38 11.57
C GLY A 43 -6.77 -6.39 11.75
N ASN A 44 -6.67 -5.58 12.80
CA ASN A 44 -7.73 -4.66 13.13
C ASN A 44 -7.49 -3.27 12.54
N ILE A 45 -8.56 -2.60 12.11
CA ILE A 45 -8.49 -1.18 11.74
C ILE A 45 -8.95 -0.35 12.92
N THR A 46 -8.55 0.92 12.98
CA THR A 46 -8.95 1.77 14.09
C THR A 46 -9.01 3.26 13.69
N PHE A 47 -10.11 3.94 14.02
CA PHE A 47 -10.20 5.37 13.81
C PHE A 47 -9.27 6.12 14.76
N SER A 48 -8.79 7.28 14.31
CA SER A 48 -8.15 8.20 15.21
C SER A 48 -9.20 8.68 16.21
N ASP A 49 -8.75 9.28 17.30
CA ASP A 49 -9.60 9.70 18.40
C ASP A 49 -10.65 10.76 18.03
N ASP A 50 -10.37 11.58 17.02
CA ASP A 50 -11.30 12.63 16.60
C ASP A 50 -12.34 12.07 15.63
N GLY A 51 -12.07 10.85 15.17
CA GLY A 51 -12.98 10.14 14.28
C GLY A 51 -12.76 10.46 12.81
N LYS A 52 -11.70 11.22 12.52
CA LYS A 52 -11.51 11.78 11.18
C LYS A 52 -10.52 11.01 10.30
N GLN A 53 -9.71 10.17 10.91
CA GLN A 53 -8.78 9.36 10.13
C GLN A 53 -8.83 7.87 10.52
N LEU A 54 -8.55 7.03 9.54
CA LEU A 54 -8.63 5.61 9.71
C LEU A 54 -7.27 4.93 9.48
N LEU A 55 -6.83 4.15 10.45
CA LEU A 55 -5.60 3.38 10.30
C LEU A 55 -5.93 1.97 9.85
N SER A 56 -5.12 1.45 8.92
CA SER A 56 -5.39 0.16 8.31
C SER A 56 -4.12 -0.64 8.07
N PRO A 57 -3.98 -1.79 8.74
CA PRO A 57 -2.84 -2.68 8.46
C PRO A 57 -2.89 -3.11 7.00
N VAL A 58 -1.82 -2.81 6.27
CA VAL A 58 -1.86 -2.92 4.82
C VAL A 58 -0.86 -3.98 4.32
N GLY A 59 -0.31 -4.74 5.27
CA GLY A 59 0.48 -5.92 5.00
C GLY A 59 1.45 -6.11 6.14
N ASN A 60 2.64 -5.52 5.99
CA ASN A 60 3.56 -5.41 7.10
C ASN A 60 3.81 -3.94 7.43
N ARG A 61 3.02 -3.05 6.81
CA ARG A 61 3.05 -1.64 7.12
C ARG A 61 1.63 -1.16 7.47
N VAL A 62 1.55 0.02 8.06
CA VAL A 62 0.27 0.62 8.38
C VAL A 62 0.02 1.83 7.51
N SER A 63 -1.14 1.88 6.86
CA SER A 63 -1.58 3.06 6.13
C SER A 63 -2.49 3.95 6.98
N VAL A 64 -2.51 5.24 6.69
CA VAL A 64 -3.42 6.15 7.35
C VAL A 64 -4.22 6.95 6.33
N PHE A 65 -5.54 6.87 6.45
CA PHE A 65 -6.42 7.54 5.52
C PHE A 65 -7.07 8.76 6.18
N ASP A 66 -6.89 9.92 5.54
CA ASP A 66 -7.55 11.15 5.97
C ASP A 66 -8.91 11.11 5.32
N LEU A 67 -9.96 10.97 6.12
CA LEU A 67 -11.28 10.72 5.55
C LEU A 67 -11.98 12.00 5.13
N ILE A 68 -11.64 13.12 5.77
CA ILE A 68 -12.26 14.40 5.41
C ILE A 68 -11.53 15.11 4.24
N ASN A 69 -10.27 14.78 3.98
CA ASN A 69 -9.53 15.42 2.88
C ASN A 69 -9.16 14.50 1.70
N ASN A 70 -9.43 13.21 1.81
CA ASN A 70 -9.06 12.26 0.77
C ASN A 70 -7.55 12.19 0.52
N LYS A 71 -6.75 12.35 1.57
CA LYS A 71 -5.35 12.02 1.49
C LYS A 71 -5.09 10.69 2.20
N SER A 72 -4.09 9.94 1.74
CA SER A 72 -3.56 8.85 2.54
C SER A 72 -2.05 8.79 2.43
N PHE A 73 -1.42 8.10 3.37
CA PHE A 73 -0.01 7.74 3.24
C PHE A 73 0.27 6.38 3.90
N THR A 74 1.51 5.92 3.79
CA THR A 74 1.91 4.68 4.44
C THR A 74 3.18 4.91 5.22
N PHE A 75 3.27 4.36 6.42
CA PHE A 75 4.48 4.54 7.20
C PHE A 75 5.68 3.92 6.54
N GLU A 76 6.85 4.47 6.83
CA GLU A 76 8.08 3.99 6.24
C GLU A 76 8.44 2.60 6.79
N TYR A 77 8.17 2.39 8.07
CA TYR A 77 8.68 1.21 8.76
C TYR A 77 7.93 -0.07 8.32
N GLU A 78 8.61 -1.21 8.44
CA GLU A 78 8.14 -2.53 8.00
C GLU A 78 8.27 -3.55 9.12
N HIS A 79 7.33 -4.47 9.24
CA HIS A 79 7.54 -5.59 10.15
C HIS A 79 8.25 -6.75 9.43
N ARG A 80 8.83 -7.67 10.21
CA ARG A 80 9.46 -8.87 9.66
C ARG A 80 8.42 -9.76 8.98
N LYS A 81 7.16 -9.63 9.44
CA LYS A 81 6.03 -10.39 8.91
C LYS A 81 4.74 -9.56 8.88
N ASN A 82 3.66 -10.14 8.37
CA ASN A 82 2.37 -9.44 8.36
C ASN A 82 1.93 -8.94 9.74
N ILE A 83 1.21 -7.80 9.74
CA ILE A 83 0.70 -7.25 11.00
C ILE A 83 -0.49 -8.04 11.54
N ALA A 84 -0.47 -8.33 12.84
CA ALA A 84 -1.59 -9.06 13.47
C ALA A 84 -2.51 -8.15 14.29
N ALA A 85 -2.00 -6.99 14.68
CA ALA A 85 -2.68 -6.14 15.65
C ALA A 85 -2.03 -4.76 15.79
N ILE A 86 -2.85 -3.71 15.91
CA ILE A 86 -2.35 -2.33 16.09
C ILE A 86 -3.16 -1.54 17.11
N ASP A 87 -2.58 -0.48 17.65
CA ASP A 87 -3.36 0.52 18.38
C ASP A 87 -2.69 1.88 18.46
N LEU A 88 -3.51 2.90 18.26
CA LEU A 88 -3.13 4.27 18.42
C LEU A 88 -3.64 4.78 19.77
N ASN A 89 -2.76 5.25 20.63
CA ASN A 89 -3.18 5.79 21.93
C ASN A 89 -4.15 7.00 21.74
N LYS A 90 -4.93 7.34 22.76
CA LYS A 90 -5.94 8.39 22.68
C LYS A 90 -5.39 9.79 22.32
N GLN A 91 -4.27 10.14 22.92
CA GLN A 91 -3.67 11.47 22.77
C GLN A 91 -3.08 11.66 21.37
N GLY A 92 -3.19 10.63 20.53
CA GLY A 92 -2.74 10.66 19.14
C GLY A 92 -1.25 10.71 18.90
N THR A 93 -0.47 10.28 19.88
CA THR A 93 0.98 10.37 19.78
C THR A 93 1.74 9.05 19.63
N LEU A 94 1.13 7.93 19.99
CA LEU A 94 1.87 6.66 20.01
C LEU A 94 1.15 5.56 19.24
N LEU A 95 1.79 5.08 18.18
CA LEU A 95 1.24 3.99 17.40
C LEU A 95 2.04 2.72 17.67
N ILE A 96 1.39 1.66 18.14
CA ILE A 96 2.09 0.37 18.26
C ILE A 96 1.46 -0.68 17.38
N SER A 97 2.30 -1.40 16.64
CA SER A 97 1.82 -2.49 15.81
C SER A 97 2.65 -3.77 16.06
N ILE A 98 2.00 -4.89 15.83
CA ILE A 98 2.52 -6.19 16.21
C ILE A 98 2.31 -7.17 15.08
N ASP A 99 3.40 -7.81 14.65
CA ASP A 99 3.32 -8.83 13.60
C ASP A 99 2.86 -10.18 14.20
N GLU A 100 2.66 -11.17 13.32
CA GLU A 100 2.13 -12.47 13.71
C GLU A 100 2.97 -13.21 14.74
N ASP A 101 4.25 -12.87 14.87
CA ASP A 101 5.11 -13.58 15.82
C ASP A 101 5.21 -12.86 17.17
N GLY A 102 4.51 -11.74 17.32
CA GLY A 102 4.54 -10.97 18.55
C GLY A 102 5.72 -10.00 18.65
N ARG A 103 6.25 -9.58 17.51
CA ARG A 103 7.31 -8.59 17.48
C ARG A 103 6.68 -7.24 17.24
N ALA A 104 6.83 -6.34 18.21
CA ALA A 104 6.10 -5.08 18.17
C ALA A 104 7.01 -3.91 17.86
N ILE A 105 6.51 -3.00 17.03
CA ILE A 105 7.18 -1.73 16.79
C ILE A 105 6.34 -0.57 17.35
N LEU A 106 6.94 0.24 18.21
CA LEU A 106 6.29 1.43 18.74
C LEU A 106 6.77 2.67 17.98
N VAL A 107 5.82 3.47 17.53
CA VAL A 107 6.13 4.57 16.64
C VAL A 107 5.68 5.93 17.18
N ASN A 108 6.53 6.94 17.07
CA ASN A 108 6.11 8.32 17.25
C ASN A 108 5.13 8.63 16.13
N PHE A 109 3.86 8.78 16.46
CA PHE A 109 2.86 8.89 15.42
C PHE A 109 2.96 10.17 14.61
N LYS A 110 3.33 11.29 15.25
CA LYS A 110 3.27 12.59 14.59
C LYS A 110 4.55 12.95 13.84
N ALA A 111 5.68 12.44 14.31
CA ALA A 111 6.95 12.68 13.64
C ALA A 111 7.31 11.52 12.72
N ARG A 112 6.56 10.43 12.86
CA ARG A 112 6.70 9.21 12.08
C ARG A 112 7.94 8.35 12.36
N ASN A 113 8.72 8.68 13.39
CA ASN A 113 9.92 7.88 13.71
C ASN A 113 9.67 6.71 14.67
N VAL A 114 10.42 5.63 14.47
CA VAL A 114 10.38 4.47 15.33
C VAL A 114 11.06 4.80 16.64
N LEU A 115 10.41 4.47 17.75
CA LEU A 115 10.92 4.80 19.07
C LEU A 115 11.43 3.58 19.80
N HIS A 116 10.97 2.39 19.39
CA HIS A 116 11.23 1.17 20.16
C HIS A 116 10.73 -0.13 19.53
N HIS A 117 11.41 -1.22 19.86
CA HIS A 117 10.95 -2.58 19.54
C HIS A 117 10.71 -3.35 20.80
N PHE A 118 9.65 -4.15 20.81
CA PHE A 118 9.40 -5.09 21.90
C PHE A 118 9.35 -6.47 21.32
N ASN A 119 9.82 -7.45 22.08
CA ASN A 119 9.49 -8.82 21.73
C ASN A 119 8.55 -9.41 22.75
N PHE A 120 7.31 -9.66 22.35
CA PHE A 120 6.35 -10.23 23.30
C PHE A 120 6.39 -11.77 23.30
N LYS A 121 7.30 -12.33 22.50
CA LYS A 121 7.65 -13.76 22.56
C LYS A 121 6.49 -14.73 22.28
N GLU A 122 5.31 -14.18 21.97
CA GLU A 122 4.10 -14.96 21.74
C GLU A 122 3.19 -14.22 20.75
N LYS A 123 2.40 -14.99 20.01
CA LYS A 123 1.37 -14.44 19.14
C LYS A 123 0.37 -13.61 19.94
N CYS A 124 0.16 -12.37 19.50
CA CYS A 124 -0.80 -11.47 20.15
C CYS A 124 -1.97 -11.20 19.22
N SER A 125 -3.18 -11.33 19.76
CA SER A 125 -4.41 -11.11 19.00
C SER A 125 -4.89 -9.67 18.99
N ALA A 126 -4.39 -8.88 19.92
CA ALA A 126 -5.01 -7.61 20.23
C ALA A 126 -4.10 -6.83 21.15
N VAL A 127 -4.01 -5.52 20.90
CA VAL A 127 -3.31 -4.62 21.81
C VAL A 127 -4.15 -3.36 21.90
N LYS A 128 -4.15 -2.73 23.07
CA LYS A 128 -4.97 -1.55 23.29
C LYS A 128 -4.39 -0.70 24.40
N PHE A 129 -4.19 0.58 24.12
CA PHE A 129 -3.72 1.49 25.15
C PHE A 129 -4.87 1.78 26.09
N SER A 130 -4.54 2.04 27.35
CA SER A 130 -5.53 2.47 28.31
C SER A 130 -5.98 3.87 27.91
N PRO A 131 -7.19 4.29 28.33
CA PRO A 131 -7.68 5.64 27.98
C PRO A 131 -6.69 6.77 28.33
N ASP A 132 -6.02 6.68 29.47
CA ASP A 132 -5.11 7.75 29.88
C ASP A 132 -3.70 7.62 29.26
N GLY A 133 -3.51 6.64 28.38
CA GLY A 133 -2.22 6.41 27.74
C GLY A 133 -1.04 5.99 28.62
N ARG A 134 -1.27 5.81 29.92
CA ARG A 134 -0.18 5.41 30.84
C ARG A 134 0.12 3.92 30.73
N LEU A 135 -0.85 3.17 30.21
CA LEU A 135 -0.83 1.72 30.17
C LEU A 135 -1.17 1.20 28.77
N PHE A 136 -0.68 0.02 28.42
CA PHE A 136 -1.31 -0.69 27.33
C PHE A 136 -1.46 -2.17 27.69
N ALA A 137 -2.43 -2.82 27.07
CA ALA A 137 -2.76 -4.20 27.41
C ALA A 137 -2.65 -5.06 26.18
N LEU A 138 -2.12 -6.26 26.40
CA LEU A 138 -1.93 -7.25 25.37
C LEU A 138 -2.77 -8.51 25.61
N ALA A 139 -3.30 -9.06 24.54
CA ALA A 139 -3.78 -10.43 24.56
C ALA A 139 -2.71 -11.33 23.89
N SER A 140 -1.92 -12.06 24.68
CA SER A 140 -0.94 -12.99 24.11
C SER A 140 -1.30 -14.39 24.53
N GLY A 141 -1.78 -15.18 23.56
CA GLY A 141 -2.40 -16.45 23.88
C GLY A 141 -3.54 -16.31 24.89
N ARG A 142 -3.42 -17.01 26.01
CA ARG A 142 -4.48 -17.04 27.02
C ARG A 142 -4.27 -15.97 28.10
N PHE A 143 -3.12 -15.30 28.01
CA PHE A 143 -2.72 -14.33 29.02
C PHE A 143 -3.06 -12.92 28.62
N LEU A 144 -3.26 -12.09 29.64
CA LEU A 144 -3.43 -10.67 29.49
C LEU A 144 -2.20 -10.04 30.09
N GLN A 145 -1.39 -9.37 29.27
CA GLN A 145 -0.25 -8.62 29.80
C GLN A 145 -0.64 -7.17 29.97
N ILE A 146 -0.11 -6.54 31.01
CA ILE A 146 -0.30 -5.11 31.22
C ILE A 146 1.07 -4.45 31.23
N TRP A 147 1.23 -3.41 30.40
CA TRP A 147 2.49 -2.69 30.30
C TRP A 147 2.33 -1.24 30.75
N LYS A 148 3.32 -0.76 31.50
CA LYS A 148 3.24 0.54 32.16
C LYS A 148 4.44 1.43 31.85
N THR A 149 4.22 2.73 31.99
CA THR A 149 5.27 3.74 31.94
C THR A 149 6.16 3.60 33.16
N PRO A 150 7.48 3.67 32.99
CA PRO A 150 8.41 3.37 34.09
C PRO A 150 8.32 4.38 35.23
N ASP A 151 8.32 3.92 36.47
CA ASP A 151 8.28 4.85 37.60
C ASP A 151 9.63 5.54 37.73
N VAL A 152 9.62 6.84 38.03
CA VAL A 152 10.86 7.61 38.16
C VAL A 152 11.69 7.17 39.37
N ASN A 153 11.07 6.38 40.25
CA ASN A 153 11.74 5.82 41.42
C ASN A 153 12.75 4.72 41.07
N LYS A 154 12.38 3.82 40.17
CA LYS A 154 13.25 2.71 39.75
C LYS A 154 14.37 3.21 38.81
N ASP A 155 14.09 4.33 38.15
CA ASP A 155 15.11 5.29 37.71
C ASP A 155 16.18 4.82 36.72
N ARG A 156 16.08 3.62 36.18
CA ARG A 156 17.10 3.22 35.20
C ARG A 156 16.59 2.27 34.10
N GLN A 157 15.48 2.64 33.48
CA GLN A 157 14.94 1.87 32.35
C GLN A 157 15.23 2.62 31.06
N PHE A 158 15.45 1.88 29.97
CA PHE A 158 15.65 2.53 28.69
C PHE A 158 14.53 2.22 27.70
N ALA A 159 13.37 1.87 28.25
CA ALA A 159 12.21 1.55 27.41
C ALA A 159 11.05 2.45 27.78
N PRO A 160 10.18 2.76 26.81
CA PRO A 160 9.01 3.60 27.07
C PRO A 160 7.93 2.89 27.89
N PHE A 161 7.93 1.56 27.83
CA PHE A 161 7.03 0.74 28.65
C PHE A 161 7.75 -0.50 29.14
N VAL A 162 7.63 -0.78 30.43
CA VAL A 162 8.06 -2.06 30.97
C VAL A 162 6.82 -2.89 31.28
N ARG A 163 7.01 -4.21 31.26
CA ARG A 163 5.89 -5.09 31.55
C ARG A 163 5.62 -5.11 33.04
N HIS A 164 4.36 -4.97 33.40
CA HIS A 164 4.03 -4.77 34.80
C HIS A 164 3.44 -6.03 35.42
N ARG A 165 2.65 -6.75 34.62
CA ARG A 165 2.01 -7.91 35.14
C ARG A 165 1.51 -8.83 34.03
N VAL A 166 1.59 -10.12 34.30
CA VAL A 166 0.96 -11.09 33.44
C VAL A 166 -0.23 -11.70 34.19
N HIS A 167 -1.38 -11.73 33.53
CA HIS A 167 -2.57 -12.17 34.19
C HIS A 167 -3.04 -13.51 33.64
N ALA A 168 -2.99 -14.53 34.50
CA ALA A 168 -3.30 -15.90 34.10
C ALA A 168 -4.65 -16.34 34.65
N GLY A 169 -5.54 -16.78 33.76
CA GLY A 169 -6.86 -17.22 34.15
C GLY A 169 -7.62 -18.01 33.08
N HIS A 170 -7.64 -17.50 31.85
CA HIS A 170 -8.36 -18.14 30.76
C HIS A 170 -7.74 -19.49 30.41
N PHE A 171 -8.55 -20.39 29.87
CA PHE A 171 -8.10 -21.74 29.51
C PHE A 171 -7.64 -21.81 28.07
N GLN A 172 -8.15 -20.88 27.26
CA GLN A 172 -7.78 -20.76 25.86
C GLN A 172 -7.55 -19.28 25.48
N ASP A 173 -7.40 -19.01 24.19
CA ASP A 173 -6.86 -17.73 23.75
C ASP A 173 -7.76 -16.54 24.02
N ILE A 174 -7.20 -15.48 24.59
CA ILE A 174 -7.89 -14.22 24.70
C ILE A 174 -8.16 -13.63 23.31
N THR A 175 -9.37 -13.12 23.14
CA THR A 175 -9.93 -12.84 21.83
C THR A 175 -10.01 -11.33 21.60
N SER A 176 -10.21 -10.59 22.69
CA SER A 176 -10.40 -9.15 22.59
C SER A 176 -10.31 -8.53 23.98
N LEU A 177 -10.12 -7.23 23.99
CA LEU A 177 -9.86 -6.48 25.22
C LEU A 177 -10.69 -5.20 25.20
N THR A 178 -11.14 -4.78 26.37
CA THR A 178 -11.87 -3.53 26.48
C THR A 178 -11.50 -2.85 27.78
N TRP A 179 -11.06 -1.60 27.69
CA TRP A 179 -10.64 -0.89 28.88
C TRP A 179 -11.83 -0.26 29.57
N SER A 180 -11.72 -0.03 30.86
CA SER A 180 -12.75 0.71 31.58
C SER A 180 -12.32 2.15 31.44
N GLN A 181 -13.28 3.07 31.33
CA GLN A 181 -12.96 4.47 31.02
C GLN A 181 -11.99 5.09 32.02
N ASP A 182 -12.08 4.68 33.29
CA ASP A 182 -11.16 5.19 34.31
C ASP A 182 -9.77 4.52 34.25
N SER A 183 -9.61 3.57 33.33
CA SER A 183 -8.34 2.88 33.09
C SER A 183 -7.91 1.91 34.21
N ARG A 184 -8.80 1.60 35.15
CA ARG A 184 -8.43 0.75 36.29
C ARG A 184 -8.81 -0.74 36.09
N PHE A 185 -9.56 -1.03 35.03
CA PHE A 185 -10.20 -2.33 34.84
C PHE A 185 -10.25 -2.73 33.38
N ILE A 186 -10.18 -4.02 33.10
CA ILE A 186 -10.24 -4.44 31.72
C ILE A 186 -11.04 -5.73 31.58
N LEU A 187 -11.75 -5.85 30.47
CA LEU A 187 -12.48 -7.05 30.15
C LEU A 187 -11.70 -7.80 29.12
N THR A 188 -11.61 -9.12 29.28
CA THR A 188 -11.07 -9.99 28.25
C THR A 188 -12.14 -10.98 27.81
N THR A 189 -12.10 -11.41 26.56
CA THR A 189 -12.95 -12.48 26.09
C THR A 189 -12.07 -13.63 25.64
N SER A 190 -12.59 -14.86 25.65
CA SER A 190 -11.76 -15.98 25.25
C SER A 190 -12.47 -17.09 24.52
N LYS A 191 -11.69 -17.99 23.93
CA LYS A 191 -12.28 -19.14 23.28
C LYS A 191 -12.73 -20.16 24.33
N ASP A 192 -12.38 -19.92 25.60
CA ASP A 192 -12.82 -20.79 26.69
C ASP A 192 -14.26 -20.49 27.12
N LEU A 193 -14.97 -19.76 26.26
CA LEU A 193 -16.40 -19.47 26.41
C LEU A 193 -16.73 -18.56 27.59
N SER A 194 -15.71 -17.98 28.23
CA SER A 194 -15.98 -16.94 29.21
C SER A 194 -15.43 -15.53 28.82
N ALA A 195 -15.90 -14.50 29.52
CA ALA A 195 -15.19 -13.23 29.57
C ALA A 195 -14.73 -13.05 31.01
N LYS A 196 -13.72 -12.23 31.23
CA LYS A 196 -13.24 -11.97 32.58
C LYS A 196 -12.94 -10.50 32.74
N ILE A 197 -12.93 -10.04 33.99
CA ILE A 197 -12.71 -8.65 34.24
C ILE A 197 -11.63 -8.57 35.28
N TRP A 198 -10.61 -7.79 34.96
CA TRP A 198 -9.39 -7.73 35.73
C TRP A 198 -9.23 -6.37 36.35
N SER A 199 -8.72 -6.32 37.57
CA SER A 199 -8.31 -5.07 38.16
C SER A 199 -6.83 -4.91 37.86
N VAL A 200 -6.48 -3.90 37.05
CA VAL A 200 -5.12 -3.85 36.50
C VAL A 200 -4.25 -2.70 36.98
N ASP A 201 -4.63 -2.05 38.08
CA ASP A 201 -3.74 -1.02 38.63
C ASP A 201 -3.25 -1.37 40.04
N SER A 202 -4.17 -1.81 40.90
CA SER A 202 -3.88 -1.99 42.33
C SER A 202 -3.02 -3.23 42.60
N GLU A 203 -1.90 -3.00 43.26
CA GLU A 203 -0.87 -4.02 43.50
C GLU A 203 -1.04 -4.75 44.83
N GLU A 204 -1.21 -6.07 44.77
CA GLU A 204 -1.39 -6.75 43.49
C GLU A 204 -2.49 -7.81 43.62
N LYS A 205 -3.53 -7.62 42.81
CA LYS A 205 -4.53 -8.65 42.63
C LYS A 205 -4.37 -9.16 41.22
N ASN A 206 -3.80 -10.36 41.13
CA ASN A 206 -3.39 -10.92 39.86
C ASN A 206 -4.50 -11.71 39.21
N LEU A 207 -5.56 -12.01 39.97
CA LEU A 207 -6.60 -12.90 39.47
C LEU A 207 -7.84 -12.14 39.04
N ALA A 208 -8.48 -12.64 38.00
CA ALA A 208 -9.72 -12.08 37.50
C ALA A 208 -10.67 -11.86 38.65
N ALA A 209 -11.37 -10.73 38.65
CA ALA A 209 -12.31 -10.45 39.75
C ALA A 209 -13.69 -11.07 39.52
N THR A 210 -14.04 -11.32 38.27
CA THR A 210 -15.31 -11.92 37.93
C THR A 210 -15.16 -12.65 36.62
N THR A 211 -15.77 -13.81 36.50
CA THR A 211 -15.76 -14.56 35.26
C THR A 211 -17.18 -14.55 34.73
N PHE A 212 -17.37 -14.43 33.41
CA PHE A 212 -18.70 -14.32 32.84
C PHE A 212 -19.07 -15.57 32.02
N ASN A 213 -19.79 -16.50 32.65
CA ASN A 213 -20.22 -17.72 31.98
C ASN A 213 -21.71 -17.66 31.72
N GLY A 214 -22.19 -18.27 30.65
CA GLY A 214 -21.38 -18.97 29.70
C GLY A 214 -22.14 -19.02 28.39
N HIS A 215 -21.44 -18.64 27.32
CA HIS A 215 -21.96 -18.76 25.98
C HIS A 215 -21.65 -20.15 25.44
N ARG A 216 -22.30 -20.50 24.34
CA ARG A 216 -22.06 -21.78 23.68
C ARG A 216 -20.73 -21.74 22.95
N ASP A 217 -20.49 -20.65 22.24
CA ASP A 217 -19.27 -20.46 21.45
C ASP A 217 -18.33 -19.37 22.03
N TYR A 218 -17.23 -19.11 21.32
CA TYR A 218 -16.23 -18.16 21.81
C TYR A 218 -16.85 -16.79 22.07
N VAL A 219 -16.49 -16.17 23.19
CA VAL A 219 -16.85 -14.79 23.43
C VAL A 219 -16.01 -13.87 22.53
N MET A 220 -16.67 -13.09 21.69
CA MET A 220 -15.99 -12.21 20.75
C MET A 220 -15.78 -10.80 21.26
N GLY A 221 -16.72 -10.30 22.06
CA GLY A 221 -16.59 -8.98 22.63
C GLY A 221 -17.18 -8.91 24.01
N ALA A 222 -16.66 -8.01 24.83
CA ALA A 222 -17.20 -7.75 26.15
C ALA A 222 -17.03 -6.27 26.45
N PHE A 223 -18.13 -5.58 26.74
CA PHE A 223 -18.09 -4.14 26.75
C PHE A 223 -18.72 -3.53 27.99
N PHE A 224 -18.07 -2.55 28.60
CA PHE A 224 -18.76 -1.73 29.60
C PHE A 224 -19.71 -0.79 28.86
N SER A 225 -20.84 -0.48 29.46
CA SER A 225 -21.75 0.49 28.89
C SER A 225 -21.32 1.86 29.42
N HIS A 226 -21.89 2.94 28.86
CA HIS A 226 -21.37 4.27 29.15
C HIS A 226 -21.41 4.57 30.65
N ASP A 227 -22.50 4.19 31.32
CA ASP A 227 -22.66 4.47 32.75
C ASP A 227 -21.84 3.53 33.65
N GLN A 228 -21.25 2.51 33.00
CA GLN A 228 -20.36 1.55 33.66
C GLN A 228 -21.13 0.57 34.59
N GLU A 229 -22.46 0.55 34.52
CA GLU A 229 -23.30 -0.30 35.35
C GLU A 229 -23.85 -1.50 34.57
N LYS A 230 -23.57 -1.58 33.28
CA LYS A 230 -23.99 -2.75 32.49
C LYS A 230 -22.82 -3.31 31.68
N ILE A 231 -22.74 -4.63 31.58
CA ILE A 231 -21.73 -5.25 30.74
C ILE A 231 -22.37 -6.10 29.67
N TYR A 232 -21.93 -5.94 28.42
CA TYR A 232 -22.45 -6.76 27.34
C TYR A 232 -21.36 -7.72 26.84
N THR A 233 -21.75 -8.97 26.63
CA THR A 233 -20.88 -10.00 26.11
C THR A 233 -21.49 -10.55 24.84
N VAL A 234 -20.70 -10.66 23.80
CA VAL A 234 -21.19 -11.07 22.50
C VAL A 234 -20.36 -12.26 22.11
N SER A 235 -20.98 -13.23 21.45
CA SER A 235 -20.30 -14.49 21.22
C SER A 235 -20.49 -15.00 19.81
N LYS A 236 -19.60 -15.91 19.40
CA LYS A 236 -19.53 -16.34 18.02
C LYS A 236 -20.82 -17.05 17.54
N ASP A 237 -21.53 -17.68 18.47
CA ASP A 237 -22.77 -18.41 18.18
C ASP A 237 -23.88 -17.45 17.81
N GLY A 238 -23.82 -16.25 18.39
CA GLY A 238 -24.67 -15.15 17.98
C GLY A 238 -25.50 -14.58 19.10
N ALA A 239 -24.91 -14.50 20.29
CA ALA A 239 -25.64 -14.13 21.48
C ALA A 239 -25.13 -12.84 22.09
N VAL A 240 -26.04 -12.05 22.64
CA VAL A 240 -25.63 -10.92 23.46
C VAL A 240 -26.26 -11.08 24.82
N PHE A 241 -25.44 -10.94 25.85
CA PHE A 241 -25.93 -11.08 27.22
C PHE A 241 -25.80 -9.74 27.92
N VAL A 242 -26.82 -9.35 28.66
CA VAL A 242 -26.71 -8.16 29.47
C VAL A 242 -26.46 -8.56 30.91
N TRP A 243 -25.51 -7.91 31.56
CA TRP A 243 -25.08 -8.25 32.91
C TRP A 243 -25.19 -7.08 33.82
N GLU A 244 -25.78 -7.24 35.00
CA GLU A 244 -25.79 -6.14 35.97
C GLU A 244 -25.43 -6.58 37.39
N PHE A 245 -24.99 -5.62 38.20
CA PHE A 245 -24.62 -5.84 39.59
C PHE A 245 -25.88 -5.91 40.47
N THR A 246 -26.09 -7.01 41.19
CA THR A 246 -27.32 -7.16 41.98
C THR A 246 -27.14 -7.80 43.35
N SER A 272 -23.15 -9.49 43.08
CA SER A 272 -22.52 -10.19 41.96
C SER A 272 -23.17 -9.84 40.62
N TRP A 273 -22.41 -9.99 39.53
CA TRP A 273 -22.88 -9.78 38.16
C TRP A 273 -23.74 -10.94 37.64
N ARG A 274 -25.00 -10.67 37.33
CA ARG A 274 -25.92 -11.69 36.81
C ARG A 274 -26.42 -11.38 35.41
N ILE A 275 -26.63 -12.40 34.59
CA ILE A 275 -27.27 -12.17 33.29
C ILE A 275 -28.67 -11.62 33.51
N THR A 276 -29.03 -10.60 32.75
CA THR A 276 -30.26 -9.87 32.99
C THR A 276 -31.19 -9.99 31.82
N LYS A 277 -30.64 -10.23 30.64
CA LYS A 277 -31.43 -10.40 29.43
C LYS A 277 -30.53 -11.11 28.43
N LYS A 278 -31.12 -11.72 27.41
CA LYS A 278 -30.36 -12.40 26.38
C LYS A 278 -30.94 -12.05 25.02
N HIS A 279 -30.07 -11.77 24.06
CA HIS A 279 -30.51 -11.42 22.71
C HIS A 279 -29.77 -12.23 21.68
N PHE A 280 -30.37 -12.39 20.51
CA PHE A 280 -29.84 -13.28 19.51
C PHE A 280 -29.98 -12.72 18.11
N PHE A 281 -28.93 -12.85 17.31
CA PHE A 281 -28.89 -12.27 15.98
C PHE A 281 -29.71 -13.13 15.03
N TYR A 282 -29.80 -14.41 15.35
CA TYR A 282 -30.46 -15.39 14.49
C TYR A 282 -30.08 -15.22 13.01
N ALA A 283 -28.83 -14.85 12.75
CA ALA A 283 -28.28 -14.85 11.39
C ALA A 283 -28.02 -16.29 11.03
N ASN A 284 -28.37 -16.71 9.83
CA ASN A 284 -28.15 -18.11 9.54
C ASN A 284 -27.02 -18.34 8.55
N GLN A 285 -26.32 -19.47 8.77
CA GLN A 285 -25.07 -19.78 8.07
C GLN A 285 -24.15 -18.58 8.18
N ALA A 286 -23.98 -18.09 9.40
CA ALA A 286 -23.04 -17.02 9.67
C ALA A 286 -22.79 -16.90 11.15
N LYS A 287 -21.53 -16.68 11.50
CA LYS A 287 -21.10 -16.52 12.87
C LYS A 287 -20.56 -15.11 13.04
N VAL A 288 -20.57 -14.64 14.29
CA VAL A 288 -20.02 -13.33 14.58
C VAL A 288 -18.53 -13.41 14.35
N LYS A 289 -18.01 -12.63 13.41
CA LYS A 289 -16.59 -12.63 13.10
C LYS A 289 -15.85 -11.46 13.78
N CYS A 290 -16.59 -10.42 14.15
CA CYS A 290 -16.02 -9.30 14.93
C CYS A 290 -17.16 -8.45 15.44
N VAL A 291 -16.87 -7.64 16.46
CA VAL A 291 -17.91 -6.84 17.07
C VAL A 291 -17.27 -5.67 17.79
N THR A 292 -17.88 -4.49 17.70
CA THR A 292 -17.45 -3.43 18.60
C THR A 292 -18.61 -2.67 19.15
N PHE A 293 -18.35 -1.87 20.16
CA PHE A 293 -19.40 -1.15 20.82
C PHE A 293 -18.99 0.30 21.15
N HIS A 294 -19.88 1.25 20.86
CA HIS A 294 -19.65 2.65 21.15
C HIS A 294 -20.60 3.13 22.24
N PRO A 295 -20.12 3.14 23.49
CA PRO A 295 -20.94 3.38 24.70
C PRO A 295 -21.81 4.67 24.73
N ALA A 296 -21.23 5.81 24.41
CA ALA A 296 -21.96 7.08 24.45
C ALA A 296 -23.18 7.13 23.50
N THR A 297 -23.04 6.63 22.28
CA THR A 297 -24.20 6.53 21.40
C THR A 297 -24.91 5.19 21.50
N ARG A 298 -24.44 4.31 22.41
CA ARG A 298 -25.01 2.96 22.63
C ARG A 298 -25.07 2.12 21.35
N LEU A 299 -24.06 2.24 20.47
CA LEU A 299 -24.07 1.49 19.22
C LEU A 299 -23.22 0.20 19.26
N LEU A 300 -23.83 -0.91 18.88
CA LEU A 300 -23.12 -2.15 18.69
C LEU A 300 -23.05 -2.44 17.20
N ALA A 301 -21.83 -2.50 16.67
CA ALA A 301 -21.62 -2.91 15.29
C ALA A 301 -21.02 -4.33 15.24
N VAL A 302 -21.58 -5.13 14.34
CA VAL A 302 -21.33 -6.56 14.33
C VAL A 302 -21.04 -6.92 12.89
N GLY A 303 -19.99 -7.71 12.67
CA GLY A 303 -19.68 -8.21 11.35
C GLY A 303 -19.65 -9.72 11.33
N PHE A 304 -20.27 -10.32 10.30
CA PHE A 304 -20.46 -11.76 10.25
C PHE A 304 -19.57 -12.43 9.23
N THR A 305 -19.54 -13.76 9.24
CA THR A 305 -18.64 -14.55 8.39
C THR A 305 -19.12 -14.58 6.96
N SER A 306 -20.43 -14.35 6.79
CA SER A 306 -20.97 -13.96 5.47
C SER A 306 -20.55 -12.52 5.26
N GLY A 307 -20.80 -11.96 4.10
CA GLY A 307 -20.48 -10.53 3.96
C GLY A 307 -21.19 -9.59 4.93
N GLU A 308 -22.27 -10.07 5.55
CA GLU A 308 -23.19 -9.28 6.37
C GLU A 308 -22.60 -8.55 7.58
N PHE A 309 -23.01 -7.29 7.76
CA PHE A 309 -22.78 -6.60 9.04
C PHE A 309 -24.10 -5.98 9.56
N ARG A 310 -24.16 -5.68 10.86
CA ARG A 310 -25.38 -5.15 11.50
C ARG A 310 -25.12 -4.07 12.54
N LEU A 311 -26.05 -3.12 12.64
CA LEU A 311 -25.95 -2.08 13.66
C LEU A 311 -27.16 -2.20 14.62
N TYR A 312 -26.88 -2.22 15.93
CA TYR A 312 -27.89 -2.32 16.98
C TYR A 312 -27.64 -1.24 18.00
N ASP A 313 -28.55 -1.07 18.94
CA ASP A 313 -28.24 -0.29 20.12
C ASP A 313 -28.51 -1.15 21.34
N LEU A 314 -27.89 -0.82 22.45
CA LEU A 314 -28.01 -1.60 23.66
C LEU A 314 -28.33 -0.61 24.76
N PRO A 315 -29.25 -0.98 25.66
CA PRO A 315 -29.67 -2.37 25.84
C PRO A 315 -30.95 -2.80 25.11
N ASP A 316 -31.61 -1.89 24.40
CA ASP A 316 -32.85 -2.21 23.70
C ASP A 316 -32.76 -3.34 22.66
N PHE A 317 -31.56 -3.66 22.20
CA PHE A 317 -31.34 -4.60 21.08
C PHE A 317 -32.23 -4.28 19.86
N THR A 318 -32.27 -3.01 19.49
CA THR A 318 -32.99 -2.58 18.30
C THR A 318 -32.16 -2.71 17.03
N LEU A 319 -32.63 -3.48 16.06
CA LEU A 319 -31.94 -3.54 14.77
C LEU A 319 -32.09 -2.24 13.97
N ILE A 320 -30.99 -1.51 13.82
CA ILE A 320 -30.95 -0.22 13.11
C ILE A 320 -30.57 -0.36 11.64
N GLN A 321 -29.60 -1.23 11.37
CA GLN A 321 -29.06 -1.38 10.02
C GLN A 321 -28.71 -2.84 9.77
N GLN A 322 -29.06 -3.35 8.60
CA GLN A 322 -28.66 -4.70 8.21
C GLN A 322 -28.25 -4.77 6.73
N LEU A 323 -26.94 -4.83 6.51
CA LEU A 323 -26.37 -4.76 5.15
C LEU A 323 -25.28 -5.81 4.92
N SER A 324 -24.78 -5.84 3.70
CA SER A 324 -23.64 -6.67 3.37
C SER A 324 -22.45 -5.78 2.92
N MET A 325 -21.25 -6.31 2.96
CA MET A 325 -20.10 -5.58 2.43
C MET A 325 -19.47 -6.38 1.29
N GLY A 326 -19.78 -7.66 1.23
CA GLY A 326 -19.29 -8.54 0.19
C GLY A 326 -19.86 -9.93 0.43
N GLN A 327 -19.21 -10.96 -0.05
CA GLN A 327 -19.63 -12.32 0.27
C GLN A 327 -18.60 -12.99 1.17
N ASN A 328 -17.59 -12.22 1.57
CA ASN A 328 -16.49 -12.72 2.38
C ASN A 328 -16.55 -12.16 3.80
N PRO A 329 -15.96 -12.88 4.78
CA PRO A 329 -15.99 -12.52 6.20
C PRO A 329 -15.67 -11.06 6.51
N VAL A 330 -16.34 -10.52 7.51
CA VAL A 330 -16.00 -9.21 8.04
C VAL A 330 -15.01 -9.42 9.16
N ASN A 331 -13.75 -9.08 8.91
CA ASN A 331 -12.67 -9.39 9.84
C ASN A 331 -12.45 -8.37 10.92
N THR A 332 -12.76 -7.11 10.62
CA THR A 332 -12.57 -6.08 11.61
C THR A 332 -13.60 -4.95 11.45
N VAL A 333 -13.96 -4.32 12.57
CA VAL A 333 -14.96 -3.28 12.58
C VAL A 333 -14.56 -2.21 13.57
N SER A 334 -14.85 -0.94 13.22
CA SER A 334 -14.55 0.19 14.08
C SER A 334 -15.64 1.26 13.95
N VAL A 335 -16.07 1.82 15.07
CA VAL A 335 -17.04 2.91 15.07
C VAL A 335 -16.30 4.20 15.48
N ASN A 336 -16.54 5.28 14.75
CA ASN A 336 -15.74 6.47 15.02
C ASN A 336 -16.40 7.29 16.12
N GLN A 337 -15.74 8.36 16.56
CA GLN A 337 -16.11 9.03 17.81
C GLN A 337 -17.56 9.53 17.86
N THR A 338 -18.10 9.91 16.71
CA THR A 338 -19.46 10.45 16.67
C THR A 338 -20.51 9.35 16.52
N GLY A 339 -20.05 8.14 16.24
CA GLY A 339 -20.97 7.06 15.95
C GLY A 339 -21.47 7.10 14.53
N GLU A 340 -21.06 8.11 13.78
CA GLU A 340 -21.67 8.36 12.48
C GLU A 340 -21.12 7.47 11.41
N TRP A 341 -19.92 6.97 11.67
CA TRP A 341 -19.10 6.29 10.69
C TRP A 341 -18.71 4.87 11.13
N LEU A 342 -19.03 3.89 10.27
CA LEU A 342 -18.72 2.49 10.53
C LEU A 342 -17.63 2.01 9.59
N ALA A 343 -16.52 1.53 10.15
CA ALA A 343 -15.40 1.04 9.34
C ALA A 343 -15.36 -0.49 9.32
N PHE A 344 -15.10 -1.06 8.15
CA PHE A 344 -15.04 -2.50 7.99
C PHE A 344 -13.85 -2.93 7.15
N GLY A 345 -13.22 -4.03 7.54
CA GLY A 345 -12.17 -4.67 6.75
C GLY A 345 -12.48 -6.14 6.49
N SER A 346 -12.48 -6.54 5.22
CA SER A 346 -12.51 -7.96 4.85
C SER A 346 -11.19 -8.33 4.16
N SER A 347 -10.63 -9.47 4.50
CA SER A 347 -9.28 -9.85 4.07
C SER A 347 -9.23 -10.43 2.66
N LYS A 348 -10.17 -11.30 2.34
CA LYS A 348 -10.11 -12.07 1.10
C LYS A 348 -9.87 -11.22 -0.14
N LEU A 349 -10.35 -9.97 -0.18
CA LEU A 349 -10.38 -9.28 -1.47
C LEU A 349 -9.61 -7.96 -1.76
N GLY A 350 -9.00 -7.27 -0.79
CA GLY A 350 -9.29 -7.26 0.61
C GLY A 350 -9.89 -5.87 0.76
N GLN A 351 -11.12 -5.81 1.26
CA GLN A 351 -11.90 -4.59 1.23
C GLN A 351 -11.72 -3.72 2.45
N LEU A 352 -11.90 -2.42 2.23
CA LEU A 352 -11.99 -1.48 3.32
C LEU A 352 -13.25 -0.64 3.07
N LEU A 353 -14.06 -0.48 4.10
CA LEU A 353 -15.30 0.28 3.96
C LEU A 353 -15.37 1.32 5.06
N VAL A 354 -15.67 2.56 4.70
CA VAL A 354 -16.16 3.48 5.71
C VAL A 354 -17.55 3.93 5.31
N TYR A 355 -18.49 3.71 6.21
CA TYR A 355 -19.90 3.84 5.88
C TYR A 355 -20.61 4.80 6.82
N GLU A 356 -21.21 5.85 6.25
CA GLU A 356 -21.98 6.84 7.00
C GLU A 356 -23.46 6.40 7.02
N TRP A 357 -23.87 5.76 8.09
CA TRP A 357 -25.08 4.98 8.02
C TRP A 357 -26.37 5.81 8.02
N GLN A 358 -26.38 6.96 8.71
CA GLN A 358 -27.59 7.81 8.68
C GLN A 358 -27.88 8.26 7.24
N SER A 359 -26.85 8.57 6.47
CA SER A 359 -27.08 9.05 5.11
C SER A 359 -26.97 7.98 4.05
N GLU A 360 -26.88 6.72 4.49
CA GLU A 360 -26.69 5.58 3.59
C GLU A 360 -25.59 5.74 2.51
N SER A 361 -24.57 6.54 2.81
CA SER A 361 -23.52 6.80 1.83
C SER A 361 -22.15 6.26 2.27
N TYR A 362 -21.29 5.97 1.30
CA TYR A 362 -19.96 5.49 1.59
C TYR A 362 -18.90 6.58 1.59
N ILE A 363 -18.30 6.87 2.74
CA ILE A 363 -17.11 7.73 2.74
C ILE A 363 -15.94 7.11 1.95
N LEU A 364 -15.64 5.84 2.20
CA LEU A 364 -14.51 5.17 1.55
C LEU A 364 -14.93 3.77 1.13
N LYS A 365 -14.61 3.39 -0.09
CA LYS A 365 -14.94 2.04 -0.55
C LYS A 365 -13.93 1.57 -1.58
N GLN A 366 -12.97 0.78 -1.11
CA GLN A 366 -11.89 0.27 -1.94
C GLN A 366 -11.61 -1.20 -1.65
N GLN A 367 -11.12 -1.91 -2.66
CA GLN A 367 -10.57 -3.24 -2.47
C GLN A 367 -9.13 -3.25 -2.94
N GLY A 368 -8.44 -4.37 -2.73
CA GLY A 368 -7.08 -4.49 -3.17
C GLY A 368 -6.98 -4.78 -4.66
N HIS A 369 -5.94 -4.24 -5.29
CA HIS A 369 -5.66 -4.54 -6.69
C HIS A 369 -4.56 -5.62 -6.81
N PHE A 370 -4.59 -6.39 -7.88
CA PHE A 370 -3.68 -7.54 -8.03
C PHE A 370 -3.16 -7.74 -9.44
N ASP A 371 -2.78 -6.67 -10.11
CA ASP A 371 -2.26 -6.81 -11.46
C ASP A 371 -0.78 -7.18 -11.46
N SER A 372 -0.29 -7.55 -12.63
CA SER A 372 1.14 -7.58 -12.88
C SER A 372 1.52 -6.34 -13.68
N THR A 373 2.25 -5.43 -13.06
CA THR A 373 2.58 -4.20 -13.76
C THR A 373 3.87 -4.30 -14.57
N ASN A 374 3.81 -3.78 -15.80
CA ASN A 374 4.92 -3.73 -16.74
C ASN A 374 5.60 -2.36 -16.75
N SER A 375 4.84 -1.33 -17.10
CA SER A 375 5.35 0.03 -17.15
C SER A 375 4.57 0.92 -16.20
N LEU A 376 5.21 1.96 -15.67
CA LEU A 376 4.47 3.05 -15.02
C LEU A 376 4.96 4.42 -15.54
N ALA A 377 4.05 5.37 -15.63
CA ALA A 377 4.43 6.72 -16.06
C ALA A 377 3.78 7.79 -15.19
N TYR A 378 4.59 8.74 -14.70
CA TYR A 378 4.06 9.95 -14.08
C TYR A 378 3.41 10.92 -15.09
N SER A 379 2.33 11.55 -14.67
CA SER A 379 1.80 12.71 -15.35
C SER A 379 2.70 13.90 -15.11
N PRO A 380 2.68 14.87 -16.01
CA PRO A 380 3.57 16.01 -15.94
C PRO A 380 3.44 16.83 -14.68
N ASP A 381 2.24 17.06 -14.20
CA ASP A 381 2.07 17.79 -12.95
C ASP A 381 2.59 16.95 -11.82
N GLY A 382 2.57 15.65 -12.01
CA GLY A 382 3.04 14.72 -11.01
C GLY A 382 1.95 14.28 -10.10
N SER A 383 0.75 14.74 -10.38
CA SER A 383 -0.42 14.39 -9.62
C SER A 383 -0.75 12.92 -9.73
N ARG A 384 -0.54 12.35 -10.90
CA ARG A 384 -0.95 10.99 -11.12
C ARG A 384 0.14 10.10 -11.64
N VAL A 385 0.03 8.83 -11.37
CA VAL A 385 0.84 7.85 -12.04
C VAL A 385 -0.10 6.83 -12.59
N VAL A 386 0.25 6.35 -13.75
CA VAL A 386 -0.56 5.43 -14.51
C VAL A 386 0.23 4.18 -14.78
N THR A 387 -0.41 3.03 -14.70
CA THR A 387 0.30 1.78 -14.78
C THR A 387 -0.25 0.87 -15.85
N ALA A 388 0.60 -0.01 -16.34
CA ALA A 388 0.24 -0.89 -17.42
C ALA A 388 0.25 -2.33 -16.96
N SER A 389 -0.78 -3.08 -17.31
CA SER A 389 -0.92 -4.40 -16.76
C SER A 389 -0.90 -5.51 -17.79
N GLU A 390 -0.41 -6.65 -17.39
CA GLU A 390 -0.23 -7.79 -18.27
C GLU A 390 -1.55 -8.27 -18.83
N ASP A 391 -2.59 -8.24 -18.03
CA ASP A 391 -3.90 -8.64 -18.49
C ASP A 391 -4.39 -7.69 -19.57
N GLY A 392 -3.85 -6.50 -19.59
CA GLY A 392 -4.22 -5.54 -20.59
C GLY A 392 -4.96 -4.33 -20.08
N LYS A 393 -5.18 -4.27 -18.79
CA LYS A 393 -5.75 -3.09 -18.19
C LYS A 393 -4.73 -1.98 -17.99
N ILE A 394 -5.20 -0.76 -18.01
CA ILE A 394 -4.40 0.40 -17.68
C ILE A 394 -5.09 1.09 -16.53
N LYS A 395 -4.36 1.60 -15.56
CA LYS A 395 -4.97 2.20 -14.40
C LYS A 395 -4.39 3.55 -14.09
N VAL A 396 -5.21 4.44 -13.58
CA VAL A 396 -4.78 5.77 -13.25
C VAL A 396 -4.85 5.93 -11.76
N TRP A 397 -3.79 6.46 -11.17
CA TRP A 397 -3.72 6.54 -9.76
C TRP A 397 -3.52 7.93 -9.30
N ASP A 398 -4.28 8.35 -8.32
CA ASP A 398 -4.01 9.65 -7.73
C ASP A 398 -3.04 9.53 -6.57
N ILE A 399 -1.83 10.01 -6.80
CA ILE A 399 -0.78 10.02 -5.80
C ILE A 399 -1.25 10.48 -4.40
N THR A 400 -2.03 11.55 -4.35
CA THR A 400 -2.31 12.20 -3.06
C THR A 400 -3.37 11.46 -2.24
N SER A 401 -4.35 10.87 -2.92
CA SER A 401 -5.39 10.09 -2.27
C SER A 401 -5.01 8.62 -2.21
N GLY A 402 -4.11 8.23 -3.11
CA GLY A 402 -3.63 6.87 -3.19
C GLY A 402 -4.58 5.97 -3.96
N PHE A 403 -5.66 6.54 -4.48
CA PHE A 403 -6.69 5.69 -5.07
C PHE A 403 -6.70 5.72 -6.59
N CYS A 404 -7.27 4.67 -7.17
CA CYS A 404 -7.35 4.51 -8.61
C CYS A 404 -8.54 5.25 -9.23
N LEU A 405 -8.25 6.36 -9.94
CA LEU A 405 -9.30 7.18 -10.55
C LEU A 405 -10.03 6.50 -11.71
N ALA A 406 -9.36 5.58 -12.40
CA ALA A 406 -9.95 4.99 -13.61
C ALA A 406 -9.29 3.69 -14.06
N THR A 407 -9.98 2.97 -14.94
CA THR A 407 -9.49 1.71 -15.46
C THR A 407 -9.92 1.46 -16.89
N PHE A 408 -9.00 1.67 -17.83
CA PHE A 408 -9.25 1.40 -19.25
C PHE A 408 -9.04 -0.08 -19.58
N GLU A 409 -9.81 -0.60 -20.53
CA GLU A 409 -9.73 -2.02 -20.87
C GLU A 409 -9.87 -2.32 -22.36
N GLU A 410 -9.51 -1.36 -23.21
CA GLU A 410 -9.59 -1.57 -24.66
C GLU A 410 -8.54 -2.57 -25.16
N HIS A 411 -7.30 -2.39 -24.73
CA HIS A 411 -6.24 -3.32 -25.07
C HIS A 411 -6.67 -4.75 -24.75
N THR A 412 -6.59 -5.63 -25.74
CA THR A 412 -7.03 -7.01 -25.59
C THR A 412 -5.85 -7.94 -25.33
N SER A 413 -4.72 -7.33 -24.98
CA SER A 413 -3.50 -8.08 -24.70
C SER A 413 -2.55 -7.21 -23.87
N SER A 414 -1.53 -7.83 -23.29
CA SER A 414 -0.59 -7.16 -22.38
C SER A 414 -0.18 -5.75 -22.80
N VAL A 415 -0.31 -4.80 -21.89
CA VAL A 415 0.18 -3.45 -22.14
C VAL A 415 1.66 -3.40 -21.75
N THR A 416 2.50 -3.14 -22.74
CA THR A 416 3.94 -3.25 -22.57
C THR A 416 4.59 -1.94 -22.15
N ALA A 417 3.94 -0.82 -22.43
CA ALA A 417 4.47 0.49 -22.02
C ALA A 417 3.36 1.52 -21.98
N VAL A 418 3.58 2.56 -21.18
CA VAL A 418 2.69 3.72 -21.13
C VAL A 418 3.59 4.93 -20.99
N GLN A 419 3.20 6.06 -21.57
CA GLN A 419 4.04 7.23 -21.54
C GLN A 419 3.24 8.50 -21.83
N PHE A 420 3.52 9.54 -21.05
CA PHE A 420 2.80 10.79 -21.18
C PHE A 420 3.41 11.72 -22.24
N ALA A 421 2.54 12.28 -23.08
CA ALA A 421 2.87 13.49 -23.82
C ALA A 421 2.78 14.61 -22.81
N LYS A 422 3.82 15.43 -22.76
CA LYS A 422 3.95 16.42 -21.69
C LYS A 422 4.17 17.78 -22.29
N ARG A 423 3.15 18.65 -22.35
CA ARG A 423 1.80 18.50 -21.80
C ARG A 423 0.82 18.10 -22.93
N GLY A 424 -0.48 17.89 -22.68
CA GLY A 424 -1.16 18.02 -21.39
C GLY A 424 -1.63 16.70 -20.82
N GLN A 425 -2.94 16.59 -20.61
CA GLN A 425 -3.52 15.38 -20.04
C GLN A 425 -3.69 14.29 -21.08
N VAL A 426 -2.60 13.96 -21.77
CA VAL A 426 -2.60 12.90 -22.77
C VAL A 426 -1.50 11.88 -22.50
N MET A 427 -1.90 10.62 -22.55
CA MET A 427 -1.06 9.49 -22.19
C MET A 427 -1.15 8.46 -23.32
N PHE A 428 0.00 7.98 -23.79
CA PHE A 428 -0.01 6.93 -24.82
C PHE A 428 0.33 5.58 -24.22
N SER A 429 -0.18 4.53 -24.86
CA SER A 429 0.09 3.19 -24.39
C SER A 429 0.39 2.29 -25.57
N SER A 430 1.26 1.32 -25.36
CA SER A 430 1.63 0.36 -26.41
C SER A 430 1.35 -1.04 -25.91
N SER A 431 1.04 -1.94 -26.85
CA SER A 431 0.57 -3.27 -26.47
C SER A 431 0.91 -4.37 -27.47
N LEU A 432 0.93 -5.61 -26.99
CA LEU A 432 1.17 -6.77 -27.84
C LEU A 432 0.03 -7.07 -28.82
N ASP A 433 -1.05 -6.28 -28.76
CA ASP A 433 -2.31 -6.71 -29.37
C ASP A 433 -2.60 -6.50 -30.89
N GLY A 434 -1.91 -5.63 -31.65
CA GLY A 434 -0.84 -4.74 -31.26
C GLY A 434 -1.19 -3.35 -31.74
N THR A 435 -1.60 -2.49 -30.83
CA THR A 435 -2.00 -1.13 -31.16
C THR A 435 -1.28 -0.15 -30.26
N VAL A 436 -1.25 1.11 -30.67
CA VAL A 436 -0.85 2.17 -29.76
C VAL A 436 -2.12 3.00 -29.56
N ARG A 437 -2.39 3.38 -28.33
CA ARG A 437 -3.63 4.10 -28.05
C ARG A 437 -3.36 5.40 -27.29
N ALA A 438 -4.01 6.47 -27.74
CA ALA A 438 -3.93 7.75 -27.06
C ALA A 438 -5.10 7.88 -26.08
N TRP A 439 -4.80 8.42 -24.89
CA TRP A 439 -5.80 8.50 -23.85
C TRP A 439 -5.91 9.92 -23.34
N ASP A 440 -7.15 10.42 -23.27
CA ASP A 440 -7.49 11.70 -22.68
C ASP A 440 -7.79 11.48 -21.20
N LEU A 441 -7.08 12.17 -20.32
CA LEU A 441 -7.25 11.92 -18.89
C LEU A 441 -8.23 12.86 -18.25
N ILE A 442 -8.59 13.94 -18.94
CA ILE A 442 -9.64 14.83 -18.44
C ILE A 442 -11.02 14.20 -18.72
N ARG A 443 -11.26 13.68 -19.92
CA ARG A 443 -12.53 12.98 -20.19
C ARG A 443 -12.46 11.47 -19.96
N TYR A 444 -11.30 10.95 -19.57
CA TYR A 444 -11.04 9.50 -19.46
C TYR A 444 -11.55 8.64 -20.63
N ARG A 445 -11.06 8.93 -21.84
CA ARG A 445 -11.35 8.10 -23.01
C ARG A 445 -10.18 7.93 -23.99
N ASN A 446 -10.34 6.93 -24.87
CA ASN A 446 -9.40 6.59 -25.93
C ASN A 446 -9.80 7.21 -27.28
N PHE A 447 -9.30 8.41 -27.59
CA PHE A 447 -9.72 9.04 -28.84
C PHE A 447 -9.03 8.49 -30.08
N ARG A 448 -7.70 8.45 -30.10
CA ARG A 448 -6.98 7.95 -31.27
C ARG A 448 -6.43 6.53 -31.07
N THR A 449 -6.18 5.84 -32.19
CA THR A 449 -5.62 4.50 -32.16
C THR A 449 -4.73 4.26 -33.38
N PHE A 450 -3.43 4.14 -33.13
CA PHE A 450 -2.45 3.94 -34.18
C PHE A 450 -2.09 2.47 -34.33
N THR A 451 -1.99 1.99 -35.57
CA THR A 451 -1.49 0.65 -35.82
C THR A 451 -0.44 0.66 -36.93
N GLY A 452 0.06 -0.53 -37.26
CA GLY A 452 0.92 -0.68 -38.41
C GLY A 452 0.09 -1.27 -39.53
N THR A 453 0.65 -1.33 -40.73
CA THR A 453 -0.07 -1.88 -41.87
C THR A 453 -0.22 -3.39 -41.76
N GLU A 454 0.24 -3.93 -40.64
CA GLU A 454 0.08 -5.33 -40.33
C GLU A 454 -0.01 -5.49 -38.83
N ARG A 455 -0.58 -6.60 -38.38
CA ARG A 455 -0.70 -6.85 -36.95
C ARG A 455 0.66 -7.16 -36.37
N ILE A 456 1.32 -6.14 -35.82
CA ILE A 456 2.59 -6.36 -35.15
C ILE A 456 2.51 -5.95 -33.68
N GLN A 457 3.13 -6.75 -32.81
CA GLN A 457 3.21 -6.41 -31.39
C GLN A 457 4.06 -5.16 -31.20
N PHE A 458 3.78 -4.40 -30.15
CA PHE A 458 4.66 -3.30 -29.80
C PHE A 458 5.20 -3.55 -28.39
N ASN A 459 6.48 -3.25 -28.18
CA ASN A 459 7.16 -3.65 -26.95
C ASN A 459 7.66 -2.46 -26.16
N CYS A 460 7.90 -1.36 -26.86
CA CYS A 460 8.46 -0.18 -26.24
C CYS A 460 7.77 1.02 -26.82
N LEU A 461 7.88 2.14 -26.16
CA LEU A 461 7.13 3.30 -26.57
C LEU A 461 7.92 4.55 -26.26
N ALA A 462 7.81 5.51 -27.16
CA ALA A 462 8.45 6.79 -26.95
C ALA A 462 7.51 7.88 -27.43
N VAL A 463 7.28 8.88 -26.59
CA VAL A 463 6.41 9.98 -27.00
C VAL A 463 7.22 11.25 -27.04
N ASP A 464 7.45 11.77 -28.24
CA ASP A 464 8.13 13.04 -28.42
C ASP A 464 7.48 14.02 -27.49
N PRO A 465 8.28 14.71 -26.68
CA PRO A 465 7.67 15.51 -25.61
C PRO A 465 6.67 16.57 -26.11
N SER A 466 6.79 16.97 -27.38
CA SER A 466 6.08 18.15 -27.86
C SER A 466 4.52 18.10 -27.89
N GLY A 467 3.85 17.05 -28.39
CA GLY A 467 4.39 15.85 -28.99
C GLY A 467 3.86 15.66 -30.39
N GLU A 468 4.68 16.02 -31.37
CA GLU A 468 4.33 15.89 -32.78
C GLU A 468 4.07 14.44 -33.18
N VAL A 469 4.83 13.54 -32.58
CA VAL A 469 4.89 12.15 -33.04
C VAL A 469 5.08 11.16 -31.89
N VAL A 470 4.44 9.99 -32.01
CA VAL A 470 4.67 8.86 -31.12
C VAL A 470 5.29 7.68 -31.92
N CYS A 471 6.17 6.91 -31.26
CA CYS A 471 6.84 5.77 -31.92
C CYS A 471 6.96 4.51 -31.04
N ALA A 472 7.12 3.37 -31.70
CA ALA A 472 7.07 2.08 -31.03
C ALA A 472 7.96 1.05 -31.71
N GLY A 473 8.67 0.26 -30.90
CA GLY A 473 9.46 -0.83 -31.44
C GLY A 473 8.72 -2.16 -31.40
N SER A 474 9.03 -3.05 -32.33
CA SER A 474 8.43 -4.38 -32.35
C SER A 474 9.48 -5.49 -32.38
N LEU A 475 9.08 -6.69 -31.97
CA LEU A 475 9.93 -7.87 -32.10
C LEU A 475 9.76 -8.45 -33.50
N ASP A 476 8.64 -8.10 -34.12
CA ASP A 476 8.28 -8.67 -35.41
C ASP A 476 9.00 -8.01 -36.59
N ASN A 477 9.89 -7.07 -36.26
CA ASN A 477 10.76 -6.43 -37.23
C ASN A 477 11.88 -5.62 -36.57
N PHE A 478 12.81 -5.13 -37.38
CA PHE A 478 13.99 -4.42 -36.91
C PHE A 478 13.86 -2.91 -37.05
N ASP A 479 12.66 -2.44 -37.38
CA ASP A 479 12.45 -1.00 -37.58
C ASP A 479 11.72 -0.37 -36.41
N ILE A 480 11.92 0.93 -36.24
CA ILE A 480 11.10 1.74 -35.34
C ILE A 480 9.89 2.29 -36.08
N HIS A 481 8.69 2.05 -35.57
CA HIS A 481 7.48 2.52 -36.24
C HIS A 481 7.03 3.88 -35.76
N VAL A 482 6.65 4.74 -36.71
CA VAL A 482 6.44 6.16 -36.45
C VAL A 482 5.07 6.60 -36.94
N TRP A 483 4.31 7.32 -36.09
CA TRP A 483 3.01 7.88 -36.47
C TRP A 483 2.97 9.38 -36.23
N SER A 484 2.38 10.14 -37.15
CA SER A 484 2.03 11.51 -36.82
C SER A 484 0.89 11.42 -35.82
N VAL A 485 0.99 12.18 -34.73
CA VAL A 485 -0.05 12.11 -33.71
C VAL A 485 -1.38 12.57 -34.27
N GLN A 486 -1.36 13.71 -34.94
CA GLN A 486 -2.58 14.31 -35.48
C GLN A 486 -3.23 13.45 -36.54
N THR A 487 -2.47 13.13 -37.58
CA THR A 487 -3.05 12.61 -38.83
C THR A 487 -4.12 11.51 -38.70
N GLY A 488 -3.98 10.50 -37.83
CA GLY A 488 -2.77 10.11 -37.14
C GLY A 488 -2.25 8.88 -37.85
N GLN A 489 -1.73 9.09 -39.05
CA GLN A 489 -1.34 8.02 -39.96
C GLN A 489 0.11 7.64 -39.83
N LEU A 490 0.47 6.59 -40.55
CA LEU A 490 1.82 6.04 -40.56
C LEU A 490 2.83 6.98 -41.21
N LEU A 491 4.03 7.01 -40.66
CA LEU A 491 5.14 7.73 -41.27
C LEU A 491 6.19 6.73 -41.75
N ASP A 492 7.22 7.22 -42.41
CA ASP A 492 8.31 6.35 -42.83
C ASP A 492 9.04 5.86 -41.59
N ALA A 493 9.05 4.54 -41.40
CA ALA A 493 9.77 3.90 -40.30
C ALA A 493 11.24 4.33 -40.19
N LEU A 494 11.82 4.13 -39.02
CA LEU A 494 13.25 4.26 -38.85
C LEU A 494 13.88 2.87 -38.94
N SER A 495 14.53 2.56 -40.05
CA SER A 495 14.74 1.14 -40.40
C SER A 495 16.13 0.54 -40.16
N GLY A 496 17.12 1.33 -39.76
CA GLY A 496 18.49 0.84 -39.72
C GLY A 496 19.06 -0.08 -38.62
N HIS A 497 18.25 -0.89 -37.95
CA HIS A 497 18.77 -1.50 -36.71
C HIS A 497 19.28 -2.94 -36.77
N GLU A 498 18.79 -3.73 -37.72
CA GLU A 498 19.24 -5.13 -37.90
C GLU A 498 19.15 -6.06 -36.67
N GLY A 499 18.45 -5.61 -35.63
CA GLY A 499 17.96 -6.46 -34.55
C GLY A 499 16.61 -5.90 -34.14
N PRO A 500 15.77 -6.68 -33.43
CA PRO A 500 14.51 -6.05 -33.00
C PRO A 500 14.82 -4.90 -32.04
N VAL A 501 14.06 -3.81 -32.15
CA VAL A 501 14.26 -2.67 -31.25
C VAL A 501 13.44 -2.87 -29.98
N SER A 502 14.08 -2.65 -28.83
CA SER A 502 13.52 -3.09 -27.55
C SER A 502 13.43 -1.98 -26.51
N CYS A 503 14.11 -0.86 -26.78
CA CYS A 503 14.08 0.29 -25.88
C CYS A 503 13.97 1.55 -26.71
N LEU A 504 13.25 2.53 -26.19
CA LEU A 504 13.12 3.83 -26.83
C LEU A 504 13.16 4.91 -25.78
N SER A 505 13.68 6.08 -26.13
CA SER A 505 13.78 7.15 -25.16
C SER A 505 14.06 8.49 -25.83
N PHE A 506 13.15 9.44 -25.62
CA PHE A 506 13.35 10.81 -26.06
C PHE A 506 14.05 11.65 -24.99
N SER A 507 14.66 12.75 -25.40
CA SER A 507 15.11 13.74 -24.45
C SER A 507 14.00 14.76 -24.29
N GLN A 508 14.15 15.68 -23.35
CA GLN A 508 13.18 16.75 -23.18
C GLN A 508 13.54 17.84 -24.19
N GLU A 509 14.81 18.24 -24.15
CA GLU A 509 15.40 19.12 -25.15
C GLU A 509 15.33 18.51 -26.55
N ASN A 510 14.40 19.04 -27.34
CA ASN A 510 14.11 18.56 -28.69
C ASN A 510 15.36 18.24 -29.50
N SER A 511 15.35 17.11 -30.19
CA SER A 511 14.26 16.14 -30.11
C SER A 511 14.86 14.75 -30.29
N VAL A 512 15.95 14.52 -29.56
CA VAL A 512 16.80 13.35 -29.78
C VAL A 512 16.15 12.03 -29.34
N LEU A 513 16.01 11.12 -30.29
CA LEU A 513 15.46 9.80 -30.03
C LEU A 513 16.57 8.74 -29.96
N ALA A 514 16.80 8.17 -28.78
CA ALA A 514 17.67 7.00 -28.67
C ALA A 514 16.86 5.72 -28.84
N SER A 515 17.48 4.70 -29.38
CA SER A 515 16.86 3.39 -29.43
C SER A 515 17.90 2.36 -29.04
N ALA A 516 17.45 1.16 -28.68
CA ALA A 516 18.36 0.10 -28.31
C ALA A 516 17.82 -1.21 -28.86
N SER A 517 18.71 -2.07 -29.34
CA SER A 517 18.25 -3.25 -30.05
C SER A 517 18.92 -4.52 -29.60
N TRP A 518 18.37 -5.64 -30.03
CA TRP A 518 19.00 -6.92 -29.85
C TRP A 518 20.39 -6.96 -30.53
N ASP A 519 20.56 -6.15 -31.57
CA ASP A 519 21.85 -6.00 -32.25
C ASP A 519 22.93 -5.39 -31.34
N LYS A 520 22.56 -5.15 -30.10
CA LYS A 520 23.49 -4.63 -29.13
C LYS A 520 24.06 -3.28 -29.47
N THR A 521 23.32 -2.47 -30.20
CA THR A 521 23.73 -1.07 -30.40
C THR A 521 22.68 -0.02 -30.06
N ILE A 522 23.15 1.12 -29.57
CA ILE A 522 22.30 2.29 -29.45
C ILE A 522 22.36 3.10 -30.73
N ARG A 523 21.21 3.42 -31.30
CA ARG A 523 21.17 4.35 -32.41
C ARG A 523 20.50 5.64 -31.98
N ILE A 524 20.92 6.73 -32.60
CA ILE A 524 20.45 8.07 -32.30
C ILE A 524 19.76 8.65 -33.52
N TRP A 525 18.52 9.12 -33.36
CA TRP A 525 17.72 9.56 -34.48
C TRP A 525 17.21 10.99 -34.32
N SER A 526 16.86 11.61 -35.45
CA SER A 526 15.96 12.76 -35.44
C SER A 526 14.88 12.49 -36.47
N ILE A 527 13.63 12.60 -36.04
CA ILE A 527 12.54 12.16 -36.89
C ILE A 527 12.46 13.07 -38.12
N PHE A 528 12.70 14.35 -37.92
CA PHE A 528 12.50 15.35 -38.96
C PHE A 528 13.80 16.09 -39.33
N GLY A 529 14.58 16.46 -38.33
CA GLY A 529 15.85 17.13 -38.57
C GLY A 529 16.96 16.13 -38.86
N ARG A 530 18.20 16.61 -38.77
CA ARG A 530 19.38 15.75 -38.88
C ARG A 530 19.75 15.21 -37.51
N SER A 531 20.04 13.91 -37.44
CA SER A 531 20.45 13.25 -36.19
C SER A 531 21.65 13.94 -35.54
N GLN A 532 21.95 13.57 -34.30
CA GLN A 532 23.06 14.16 -33.58
C GLN A 532 24.23 13.18 -33.60
N GLN A 533 23.95 12.00 -34.14
CA GLN A 533 24.92 10.93 -34.29
C GLN A 533 24.33 9.86 -35.22
N VAL A 534 24.71 9.94 -36.48
CA VAL A 534 24.25 9.01 -37.49
C VAL A 534 24.95 7.64 -37.32
N GLU A 535 25.96 7.63 -36.47
CA GLU A 535 26.75 6.44 -36.23
C GLU A 535 26.17 5.61 -35.11
N PRO A 536 26.26 4.31 -35.23
CA PRO A 536 25.75 3.42 -34.21
C PRO A 536 26.63 3.41 -33.01
N ILE A 537 26.15 2.87 -31.90
CA ILE A 537 26.97 2.73 -30.71
C ILE A 537 26.83 1.35 -30.12
N GLU A 538 27.97 0.87 -29.67
CA GLU A 538 28.22 -0.53 -29.61
C GLU A 538 28.30 -0.69 -28.16
N VAL A 539 27.53 -1.61 -27.67
CA VAL A 539 27.42 -1.77 -26.26
C VAL A 539 27.70 -3.23 -26.19
N TYR A 540 28.32 -3.65 -25.12
CA TYR A 540 28.55 -5.05 -24.95
C TYR A 540 27.94 -5.38 -23.61
N SER A 541 27.09 -6.39 -23.60
CA SER A 541 25.68 -6.15 -23.79
C SER A 541 24.93 -7.28 -23.15
N ASP A 542 23.68 -7.04 -22.81
CA ASP A 542 22.61 -6.78 -23.73
C ASP A 542 21.93 -5.65 -23.06
N VAL A 543 21.15 -4.87 -23.77
CA VAL A 543 20.65 -3.69 -23.12
C VAL A 543 19.28 -4.06 -22.63
N LEU A 544 19.06 -3.86 -21.35
CA LEU A 544 17.76 -4.10 -20.77
C LEU A 544 16.94 -2.85 -20.65
N ALA A 545 17.58 -1.74 -20.36
CA ALA A 545 16.87 -0.50 -20.22
C ALA A 545 17.71 0.64 -20.71
N LEU A 546 17.07 1.62 -21.29
CA LEU A 546 17.76 2.78 -21.78
C LEU A 546 17.03 4.04 -21.38
N SER A 547 17.73 5.00 -20.79
CA SER A 547 17.11 6.27 -20.47
C SER A 547 17.89 7.41 -21.10
N MET A 548 17.21 8.22 -21.90
CA MET A 548 17.87 9.32 -22.53
C MET A 548 17.96 10.48 -21.56
N ARG A 549 19.15 11.05 -21.44
CA ARG A 549 19.33 12.17 -20.56
C ARG A 549 18.51 13.29 -21.09
N PRO A 550 17.97 14.14 -20.12
CA PRO A 550 16.97 15.09 -20.66
C PRO A 550 17.55 16.05 -21.67
N ASP A 551 18.74 16.56 -21.41
CA ASP A 551 19.36 17.52 -22.29
C ASP A 551 19.60 16.93 -23.67
N GLY A 552 19.83 15.64 -23.69
CA GLY A 552 20.01 14.94 -24.95
C GLY A 552 21.43 14.77 -25.41
N LYS A 553 22.36 15.16 -24.56
CA LYS A 553 23.75 15.01 -24.88
C LYS A 553 24.33 13.68 -24.47
N GLU A 554 23.61 12.90 -23.68
CA GLU A 554 24.13 11.64 -23.20
C GLU A 554 23.06 10.60 -23.09
N VAL A 555 23.45 9.34 -23.06
CA VAL A 555 22.49 8.28 -22.86
C VAL A 555 23.02 7.24 -21.91
N ALA A 556 22.11 6.61 -21.19
CA ALA A 556 22.48 5.61 -20.22
C ALA A 556 21.75 4.34 -20.52
N VAL A 557 22.40 3.22 -20.32
CA VAL A 557 21.78 1.94 -20.53
C VAL A 557 22.12 1.01 -19.41
N SER A 558 21.25 0.04 -19.18
CA SER A 558 21.50 -0.96 -18.19
C SER A 558 21.72 -2.24 -18.91
N THR A 559 22.76 -2.94 -18.54
CA THR A 559 23.19 -4.12 -19.28
C THR A 559 22.90 -5.42 -18.53
N LEU A 560 23.10 -6.53 -19.23
CA LEU A 560 22.92 -7.87 -18.67
C LEU A 560 24.00 -8.23 -17.65
N LYS A 561 25.17 -7.60 -17.76
CA LYS A 561 26.10 -7.54 -16.64
C LYS A 561 25.54 -6.48 -15.71
N GLY A 562 26.09 -6.34 -14.52
CA GLY A 562 25.51 -5.40 -13.59
C GLY A 562 25.99 -3.99 -13.86
N GLN A 563 25.92 -3.56 -15.12
CA GLN A 563 26.51 -2.27 -15.49
C GLN A 563 25.45 -1.30 -15.98
N ILE A 564 25.43 -0.12 -15.35
CA ILE A 564 24.82 1.03 -15.97
C ILE A 564 25.96 1.82 -16.64
N SER A 565 25.95 1.85 -17.97
CA SER A 565 26.97 2.57 -18.74
C SER A 565 26.40 3.82 -19.41
N ILE A 566 27.19 4.87 -19.44
CA ILE A 566 26.76 6.14 -20.04
C ILE A 566 27.59 6.47 -21.28
N PHE A 567 26.92 6.95 -22.32
CA PHE A 567 27.59 7.26 -23.57
C PHE A 567 27.38 8.71 -24.00
N ASN A 568 28.45 9.36 -24.47
CA ASN A 568 28.31 10.68 -25.08
C ASN A 568 27.84 10.50 -26.51
N ILE A 569 26.93 11.36 -26.94
CA ILE A 569 26.28 11.19 -28.24
C ILE A 569 27.05 11.92 -29.34
N GLU A 570 27.61 13.08 -29.03
CA GLU A 570 28.46 13.77 -29.98
C GLU A 570 29.66 12.89 -30.34
N ASP A 571 30.28 12.30 -29.32
CA ASP A 571 31.49 11.52 -29.50
C ASP A 571 31.25 10.05 -29.79
N ALA A 572 30.00 9.61 -29.65
CA ALA A 572 29.62 8.20 -29.78
C ALA A 572 30.59 7.26 -29.03
N LYS A 573 31.10 7.74 -27.90
CA LYS A 573 31.99 6.92 -27.08
C LYS A 573 31.48 6.91 -25.62
N GLN A 574 31.87 5.88 -24.90
CA GLN A 574 31.41 5.68 -23.53
C GLN A 574 32.11 6.61 -22.56
N VAL A 575 31.33 7.46 -21.91
CA VAL A 575 31.87 8.51 -21.04
C VAL A 575 31.92 8.08 -19.57
N GLY A 576 31.07 7.13 -19.17
CA GLY A 576 30.94 6.66 -17.78
C GLY A 576 30.40 5.24 -17.76
N ASN A 577 30.85 4.40 -16.85
CA ASN A 577 30.29 3.06 -16.67
C ASN A 577 30.07 3.00 -15.14
N ILE A 578 28.92 2.54 -14.69
CA ILE A 578 28.74 2.24 -13.28
C ILE A 578 28.56 0.73 -13.12
N ASP A 579 29.27 0.20 -12.14
CA ASP A 579 29.20 -1.21 -11.84
C ASP A 579 28.30 -1.38 -10.72
N CYS A 580 27.21 -2.06 -10.99
CA CYS A 580 26.12 -1.91 -10.16
C CYS A 580 26.24 -3.05 -9.28
N ARG A 581 26.62 -2.76 -8.05
CA ARG A 581 26.75 -3.83 -7.13
C ARG A 581 26.20 -3.91 -5.82
N LYS A 582 24.90 -4.06 -5.85
CA LYS A 582 24.23 -3.93 -4.66
C LYS A 582 23.03 -4.63 -4.33
N ASP A 583 22.79 -5.66 -5.08
CA ASP A 583 21.47 -6.10 -5.23
C ASP A 583 21.24 -7.23 -4.35
N ILE A 584 20.49 -6.88 -3.37
CA ILE A 584 19.97 -7.85 -2.44
C ILE A 584 19.04 -8.67 -3.32
N ILE A 585 19.53 -9.82 -3.77
CA ILE A 585 18.88 -10.55 -4.85
C ILE A 585 17.72 -11.45 -4.39
N SER A 602 23.59 -12.86 -13.51
CA SER A 602 22.91 -13.18 -12.26
C SER A 602 22.20 -11.97 -11.68
N LYS A 603 22.94 -10.87 -11.51
CA LYS A 603 22.41 -9.67 -10.91
C LYS A 603 22.37 -8.52 -11.89
N PHE A 604 21.22 -7.91 -12.10
CA PHE A 604 21.24 -6.70 -12.91
C PHE A 604 20.09 -5.76 -12.63
N PHE A 605 19.86 -4.84 -13.52
CA PHE A 605 18.68 -3.95 -13.49
C PHE A 605 17.96 -3.97 -14.83
N THR A 606 16.63 -3.91 -14.77
CA THR A 606 15.82 -3.98 -15.99
C THR A 606 15.09 -2.69 -16.28
N THR A 607 15.26 -1.72 -15.40
CA THR A 607 14.59 -0.44 -15.53
C THR A 607 15.44 0.64 -14.88
N ILE A 608 15.74 1.69 -15.65
CA ILE A 608 16.45 2.84 -15.10
C ILE A 608 15.76 4.14 -15.56
N HIS A 609 16.02 5.23 -14.86
CA HIS A 609 15.45 6.51 -15.24
C HIS A 609 16.31 7.67 -14.74
N TYR A 610 16.63 8.58 -15.64
CA TYR A 610 17.32 9.80 -15.27
C TYR A 610 16.39 10.74 -14.52
N SER A 611 16.92 11.45 -13.53
CA SER A 611 16.21 12.56 -12.93
C SER A 611 16.05 13.70 -13.94
N PHE A 612 15.31 14.76 -13.59
CA PHE A 612 15.06 15.85 -14.56
C PHE A 612 16.33 16.64 -14.92
N ASP A 613 17.26 16.75 -13.98
CA ASP A 613 18.46 17.54 -14.22
C ASP A 613 19.65 16.68 -14.69
N GLY A 614 19.37 15.40 -14.96
CA GLY A 614 20.38 14.46 -15.41
C GLY A 614 21.49 14.10 -14.42
N MET A 615 21.29 14.36 -13.13
CA MET A 615 22.33 14.10 -12.13
C MET A 615 22.22 12.72 -11.47
N ALA A 616 21.03 12.13 -11.54
CA ALA A 616 20.76 10.85 -10.88
C ALA A 616 20.02 9.86 -11.76
N ILE A 617 20.31 8.59 -11.51
CA ILE A 617 19.60 7.48 -12.12
C ILE A 617 18.94 6.64 -11.01
N VAL A 618 17.73 6.19 -11.23
CA VAL A 618 17.11 5.25 -10.31
C VAL A 618 16.88 3.96 -11.07
N ALA A 619 17.09 2.83 -10.40
CA ALA A 619 17.16 1.54 -11.08
C ALA A 619 16.61 0.37 -10.26
N GLY A 620 15.92 -0.53 -10.94
CA GLY A 620 15.43 -1.73 -10.34
C GLY A 620 15.44 -2.88 -11.31
N GLY A 621 15.30 -4.10 -10.78
CA GLY A 621 15.24 -5.28 -11.63
C GLY A 621 14.64 -6.42 -10.84
N ASN A 622 14.80 -7.63 -11.35
CA ASN A 622 14.33 -8.83 -10.66
C ASN A 622 15.14 -9.15 -9.41
N ASN A 623 15.14 -8.22 -8.45
CA ASN A 623 15.81 -8.41 -7.17
C ASN A 623 15.11 -7.52 -6.14
N ASN A 624 15.65 -7.47 -4.93
CA ASN A 624 14.99 -6.75 -3.85
C ASN A 624 15.65 -5.42 -3.51
N SER A 625 16.55 -4.94 -4.37
CA SER A 625 17.09 -3.61 -4.11
C SER A 625 16.69 -2.66 -5.22
N ILE A 626 16.44 -1.42 -4.82
CA ILE A 626 16.24 -0.31 -5.74
C ILE A 626 17.37 0.66 -5.46
N CYS A 627 18.08 1.07 -6.50
CA CYS A 627 19.29 1.83 -6.27
C CYS A 627 19.20 3.21 -6.87
N LEU A 628 19.81 4.14 -6.16
CA LEU A 628 19.82 5.53 -6.57
C LEU A 628 21.27 5.93 -6.74
N TYR A 629 21.67 6.17 -7.98
CA TYR A 629 23.06 6.45 -8.30
C TYR A 629 23.32 7.93 -8.57
N ASP A 630 24.49 8.39 -8.12
CA ASP A 630 25.03 9.68 -8.55
C ASP A 630 25.69 9.43 -9.89
N VAL A 631 25.33 10.20 -10.92
CA VAL A 631 25.85 9.88 -12.24
C VAL A 631 27.22 10.53 -12.51
N PRO A 632 27.38 11.85 -12.24
CA PRO A 632 28.73 12.42 -12.30
C PRO A 632 29.78 11.63 -11.52
N ASN A 633 29.58 11.43 -10.23
CA ASN A 633 30.57 10.76 -9.41
C ASN A 633 30.49 9.24 -9.47
N GLU A 634 29.55 8.71 -10.26
CA GLU A 634 29.38 7.26 -10.42
C GLU A 634 29.37 6.50 -9.10
N VAL A 635 28.63 7.00 -8.12
CA VAL A 635 28.49 6.31 -6.85
C VAL A 635 27.05 5.93 -6.58
N LEU A 636 26.83 5.27 -5.45
CA LEU A 636 25.50 4.92 -4.99
C LEU A 636 25.09 5.90 -3.91
N LEU A 637 23.94 6.53 -4.10
CA LEU A 637 23.43 7.50 -3.14
C LEU A 637 22.64 6.81 -2.04
N LYS A 638 21.70 5.96 -2.44
CA LYS A 638 20.85 5.26 -1.49
C LYS A 638 20.41 3.93 -2.08
N ARG A 639 20.34 2.89 -1.25
CA ARG A 639 19.72 1.65 -1.69
C ARG A 639 18.43 1.44 -0.92
N PHE A 640 17.38 1.09 -1.63
CA PHE A 640 16.11 0.83 -0.99
C PHE A 640 15.77 -0.64 -1.07
N ILE A 641 15.81 -1.33 0.07
CA ILE A 641 15.35 -2.70 0.13
C ILE A 641 13.83 -2.74 -0.01
N VAL A 642 13.37 -3.33 -1.10
CA VAL A 642 11.95 -3.34 -1.44
C VAL A 642 11.12 -3.93 -0.31
N SER A 643 11.44 -5.16 0.06
CA SER A 643 10.57 -5.92 0.96
C SER A 643 11.32 -6.64 2.10
N ARG A 644 10.76 -6.59 3.31
CA ARG A 644 11.31 -7.37 4.44
C ARG A 644 10.50 -8.61 4.85
N ASN A 645 9.71 -9.19 3.93
CA ASN A 645 8.94 -10.42 4.21
C ASN A 645 7.84 -10.17 5.25
N GLU A 703 8.89 -14.51 -5.60
CA GLU A 703 10.13 -13.74 -5.56
C GLU A 703 9.92 -12.25 -5.86
N VAL A 704 10.70 -11.41 -5.21
CA VAL A 704 10.57 -9.95 -5.32
C VAL A 704 11.12 -9.41 -6.65
N ARG A 705 10.28 -8.68 -7.38
CA ARG A 705 10.72 -8.08 -8.63
C ARG A 705 10.21 -6.64 -8.77
N VAL A 706 11.03 -5.79 -9.37
CA VAL A 706 10.61 -4.44 -9.74
C VAL A 706 10.73 -4.32 -11.25
N THR A 707 9.66 -3.89 -11.90
CA THR A 707 9.61 -3.98 -13.36
C THR A 707 9.55 -2.62 -14.04
N SER A 708 9.45 -1.58 -13.24
CA SER A 708 9.30 -0.25 -13.78
C SER A 708 9.57 0.76 -12.68
N VAL A 709 10.41 1.74 -12.99
CA VAL A 709 10.88 2.66 -11.98
C VAL A 709 11.04 4.02 -12.67
N GLN A 710 10.60 5.08 -11.98
CA GLN A 710 10.57 6.40 -12.61
C GLN A 710 10.51 7.55 -11.60
N PHE A 711 11.32 8.58 -11.81
CA PHE A 711 11.21 9.83 -11.06
C PHE A 711 9.91 10.57 -11.38
N SER A 712 9.40 11.31 -10.40
CA SER A 712 8.34 12.30 -10.64
C SER A 712 8.97 13.47 -11.40
N PRO A 713 8.17 14.18 -12.22
CA PRO A 713 8.61 15.31 -13.04
C PRO A 713 9.58 16.29 -12.38
N THR A 714 9.42 16.58 -11.09
CA THR A 714 10.34 17.46 -10.39
C THR A 714 11.35 16.68 -9.56
N ALA A 715 11.29 15.35 -9.68
CA ALA A 715 12.18 14.41 -8.98
C ALA A 715 12.10 14.57 -7.47
N ASN A 716 10.94 15.04 -6.99
CA ASN A 716 10.67 15.12 -5.56
C ASN A 716 10.29 13.75 -4.98
N ALA A 717 10.06 12.79 -5.87
CA ALA A 717 9.65 11.43 -5.49
C ALA A 717 10.03 10.47 -6.61
N PHE A 718 9.94 9.16 -6.34
CA PHE A 718 9.97 8.17 -7.43
C PHE A 718 9.04 7.01 -7.16
N ALA A 719 8.56 6.40 -8.23
CA ALA A 719 7.56 5.35 -8.14
C ALA A 719 8.10 4.06 -8.71
N ALA A 720 7.82 2.94 -8.04
CA ALA A 720 8.30 1.62 -8.48
C ALA A 720 7.15 0.63 -8.58
N ALA A 721 7.02 0.02 -9.76
CA ALA A 721 6.06 -1.05 -9.95
C ALA A 721 6.70 -2.38 -9.56
N SER A 722 6.37 -2.85 -8.35
CA SER A 722 6.90 -4.10 -7.84
C SER A 722 5.84 -5.18 -7.70
N THR A 723 6.32 -6.36 -7.31
CA THR A 723 5.46 -7.50 -6.99
C THR A 723 4.83 -7.30 -5.61
N GLU A 724 5.31 -6.30 -4.88
CA GLU A 724 4.76 -5.93 -3.59
C GLU A 724 3.79 -4.76 -3.76
N GLY A 725 3.44 -4.46 -5.00
CA GLY A 725 2.51 -3.39 -5.28
C GLY A 725 3.19 -2.13 -5.76
N LEU A 726 2.41 -1.06 -5.89
CA LEU A 726 2.89 0.20 -6.40
C LEU A 726 3.54 1.03 -5.29
N LEU A 727 4.85 1.18 -5.37
CA LEU A 727 5.62 1.77 -4.29
C LEU A 727 5.97 3.21 -4.61
N ILE A 728 5.78 4.09 -3.64
CA ILE A 728 6.14 5.49 -3.80
C ILE A 728 7.10 5.86 -2.72
N TYR A 729 8.21 6.46 -3.13
CA TYR A 729 9.22 6.97 -2.21
C TYR A 729 9.25 8.48 -2.40
N SER A 730 9.36 9.23 -1.31
CA SER A 730 9.27 10.68 -1.41
C SER A 730 10.24 11.39 -0.48
N THR A 731 10.32 12.71 -0.61
CA THR A 731 11.25 13.48 0.21
C THR A 731 10.58 14.71 0.82
N ASN A 732 10.66 14.82 2.14
CA ASN A 732 10.28 16.00 2.92
C ASN A 732 10.43 15.74 4.41
S SO4 B . -25.75 4.25 29.57
O1 SO4 B . -25.89 2.89 30.24
O2 SO4 B . -27.08 4.97 29.68
O3 SO4 B . -24.84 4.98 30.38
O4 SO4 B . -25.58 3.98 28.19
#